data_8FK8
#
_entry.id   8FK8
#
_cell.length_a   72.502
_cell.length_b   72.502
_cell.length_c   65.939
_cell.angle_alpha   90.000
_cell.angle_beta   90.000
_cell.angle_gamma   90.000
#
_symmetry.space_group_name_H-M   'P 41 21 2'
#
loop_
_entity.id
_entity.type
_entity.pdbx_description
1 polymer 'Evasin P1243'
2 polymer 'C-C motif chemokine 7'
3 water water
#
loop_
_entity_poly.entity_id
_entity_poly.type
_entity_poly.pdbx_seq_one_letter_code
_entity_poly.pdbx_strand_id
1 'polypeptide(L)'
;GSTSARNHTEDNSTEYYDYEEARCACPARHLNNTNGTVLKPLGCHYFCNGTLCTAPDGYPCYNLTAQQVRTLTTYPNTSC
AVGVCMKGTCVKNGTMEQCFKTP
;
A
2 'polypeptide(L)' QPVGINTSTTCCYRFINKKIPKQRLESYRRTTSSHCPREAVIFKTKLDKELCADPTQKWVQDFMKHLDKKTQTPKL B
#
# COMPACT_ATOMS: atom_id res chain seq x y z
N GLU A 21 6.06 2.29 13.08
CA GLU A 21 4.74 1.61 12.97
C GLU A 21 3.68 2.64 12.57
N ALA A 22 3.12 3.35 13.56
CA ALA A 22 2.15 4.42 13.26
C ALA A 22 2.74 5.32 12.18
N ARG A 23 4.01 5.63 12.33
CA ARG A 23 4.69 6.46 11.32
C ARG A 23 4.59 5.82 9.94
N CYS A 24 4.63 4.50 9.85
CA CYS A 24 4.64 3.78 8.56
C CYS A 24 3.21 3.37 8.19
N ALA A 25 2.23 4.10 8.70
CA ALA A 25 0.82 3.83 8.37
C ALA A 25 0.40 4.78 7.26
N CYS A 26 1.26 4.88 6.26
CA CYS A 26 1.06 5.82 5.14
C CYS A 26 0.97 5.04 3.83
N PRO A 27 0.16 5.51 2.87
CA PRO A 27 0.00 4.82 1.60
C PRO A 27 1.11 5.08 0.60
N ALA A 28 1.34 4.12 -0.28
CA ALA A 28 2.33 4.33 -1.35
C ALA A 28 1.88 3.63 -2.63
N ARG A 29 2.48 4.01 -3.74
CA ARG A 29 2.08 3.47 -5.04
C ARG A 29 2.35 1.97 -5.18
N HIS A 30 1.36 1.22 -5.63
CA HIS A 30 1.55 -0.21 -5.94
C HIS A 30 1.59 -0.36 -7.46
N LEU A 31 2.12 -1.47 -7.92
CA LEU A 31 2.12 -1.75 -9.36
C LEU A 31 0.80 -2.43 -9.73
N ASN A 32 0.39 -2.30 -10.99
CA ASN A 32 -0.82 -2.98 -11.49
C ASN A 32 -0.43 -4.16 -12.38
N ASN A 33 -1.43 -4.96 -12.73
CA ASN A 33 -1.20 -6.17 -13.56
C ASN A 33 -2.45 -6.48 -14.37
N THR A 34 -2.28 -7.23 -15.44
CA THR A 34 -3.42 -7.65 -16.31
C THR A 34 -3.90 -9.01 -15.85
N ASN A 35 -3.50 -9.51 -14.69
CA ASN A 35 -3.86 -10.89 -14.29
C ASN A 35 -5.10 -10.93 -13.41
N GLY A 36 -5.63 -9.77 -13.07
CA GLY A 36 -6.80 -9.70 -12.19
C GLY A 36 -6.49 -10.04 -10.75
N THR A 37 -5.25 -9.85 -10.33
CA THR A 37 -4.83 -10.11 -8.94
C THR A 37 -4.62 -8.78 -8.19
N VAL A 38 -4.36 -8.88 -6.89
CA VAL A 38 -4.16 -7.67 -6.05
C VAL A 38 -2.98 -6.86 -6.59
N LEU A 39 -3.05 -5.55 -6.40
CA LEU A 39 -1.91 -4.69 -6.75
C LEU A 39 -0.78 -5.05 -5.80
N LYS A 40 0.43 -4.83 -6.26
CA LYS A 40 1.59 -5.24 -5.44
C LYS A 40 2.73 -4.26 -5.62
N PRO A 41 3.45 -3.96 -4.53
CA PRO A 41 4.53 -3.04 -4.61
C PRO A 41 5.84 -3.57 -5.19
N LEU A 42 6.70 -2.67 -5.65
CA LEU A 42 8.06 -3.05 -6.06
C LEU A 42 8.85 -3.25 -4.76
N GLY A 43 9.19 -4.49 -4.48
CA GLY A 43 9.93 -4.78 -3.25
C GLY A 43 9.11 -4.57 -1.99
N CYS A 44 9.79 -4.49 -0.85
CA CYS A 44 9.10 -4.46 0.45
C CYS A 44 9.46 -3.21 1.26
N HIS A 45 10.03 -2.21 0.60
CA HIS A 45 10.38 -0.94 1.29
C HIS A 45 9.56 0.21 0.70
N TYR A 46 9.29 1.21 1.53
CA TYR A 46 8.47 2.35 1.08
C TYR A 46 8.81 3.56 1.96
N PHE A 47 8.53 4.74 1.46
CA PHE A 47 8.95 5.96 2.19
C PHE A 47 7.76 6.72 2.76
N CYS A 48 7.75 6.91 4.09
CA CYS A 48 6.64 7.65 4.77
C CYS A 48 7.23 8.65 5.76
N ASN A 49 6.77 9.90 5.64
CA ASN A 49 7.23 10.90 6.61
C ASN A 49 8.75 11.01 6.53
N GLY A 50 9.42 10.63 7.60
CA GLY A 50 10.87 10.75 7.64
C GLY A 50 11.35 9.37 7.99
N THR A 51 10.54 8.40 7.60
CA THR A 51 10.87 7.00 7.88
C THR A 51 10.90 6.22 6.56
N LEU A 52 11.92 5.39 6.43
CA LEU A 52 11.93 4.48 5.28
C LEU A 52 11.29 3.24 5.89
N CYS A 53 10.13 2.89 5.42
CA CYS A 53 9.41 1.80 6.09
C CYS A 53 9.59 0.45 5.42
N THR A 54 9.27 -0.61 6.15
CA THR A 54 9.33 -1.99 5.60
C THR A 54 7.92 -2.60 5.65
N ALA A 55 7.45 -3.12 4.53
CA ALA A 55 6.15 -3.81 4.49
C ALA A 55 6.10 -4.91 5.55
N PRO A 56 4.91 -5.18 6.14
CA PRO A 56 4.77 -6.29 7.06
C PRO A 56 5.12 -7.65 6.42
N ASP A 57 5.67 -8.55 7.21
CA ASP A 57 5.93 -9.94 6.72
C ASP A 57 4.62 -10.55 6.24
N GLY A 58 4.65 -11.26 5.11
CA GLY A 58 3.45 -11.83 4.50
C GLY A 58 2.90 -10.96 3.38
N TYR A 59 3.32 -9.70 3.35
CA TYR A 59 2.76 -8.77 2.35
C TYR A 59 3.23 -9.17 0.96
N PRO A 60 2.31 -9.20 0.00
CA PRO A 60 2.66 -9.57 -1.34
C PRO A 60 3.55 -8.51 -2.01
N CYS A 61 4.35 -8.93 -2.99
CA CYS A 61 5.29 -8.00 -3.63
C CYS A 61 5.76 -8.47 -5.01
N TYR A 62 6.35 -7.55 -5.77
CA TYR A 62 6.98 -7.92 -7.06
C TYR A 62 8.51 -7.81 -6.89
N ASN A 63 9.22 -8.87 -7.25
CA ASN A 63 10.70 -8.83 -7.23
C ASN A 63 11.21 -8.72 -8.67
N LEU A 64 11.53 -7.51 -9.11
CA LEU A 64 12.02 -7.28 -10.48
C LEU A 64 13.54 -7.13 -10.48
N THR A 65 14.18 -7.55 -11.55
CA THR A 65 15.64 -7.38 -11.67
C THR A 65 15.99 -5.94 -11.95
N ALA A 66 17.22 -5.54 -11.67
CA ALA A 66 17.68 -4.20 -12.01
C ALA A 66 17.28 -3.87 -13.46
N GLN A 67 17.50 -4.80 -14.38
CA GLN A 67 17.16 -4.58 -15.81
C GLN A 67 15.65 -4.41 -15.96
N GLN A 68 14.87 -5.22 -15.26
CA GLN A 68 13.39 -5.16 -15.41
C GLN A 68 12.91 -3.81 -14.92
N VAL A 69 13.53 -3.31 -13.86
CA VAL A 69 13.09 -2.01 -13.26
C VAL A 69 13.43 -0.89 -14.24
N ARG A 70 14.56 -1.02 -14.92
CA ARG A 70 15.03 0.02 -15.85
C ARG A 70 14.03 0.20 -16.99
N THR A 71 13.41 -0.88 -17.43
CA THR A 71 12.47 -0.85 -18.58
C THR A 71 11.01 -0.84 -18.13
N LEU A 72 10.75 -0.84 -16.83
CA LEU A 72 9.37 -0.78 -16.31
C LEU A 72 8.62 0.43 -16.90
N THR A 73 7.42 0.19 -17.41
CA THR A 73 6.61 1.25 -18.05
C THR A 73 5.12 1.16 -17.72
N THR A 74 4.28 1.83 -18.50
CA THR A 74 2.82 1.89 -18.27
C THR A 74 2.11 0.74 -18.97
N TYR A 75 2.87 -0.21 -19.49
CA TYR A 75 2.30 -1.40 -20.12
C TYR A 75 3.20 -2.58 -19.80
N PRO A 76 2.64 -3.81 -19.77
CA PRO A 76 3.44 -4.98 -19.48
C PRO A 76 4.45 -5.28 -20.59
N ASN A 77 5.70 -5.53 -20.23
CA ASN A 77 6.78 -5.75 -21.23
C ASN A 77 7.82 -6.72 -20.67
N THR A 78 7.48 -7.44 -19.61
CA THR A 78 8.36 -8.47 -18.99
C THR A 78 7.52 -9.27 -18.01
N SER A 79 7.92 -10.49 -17.72
CA SER A 79 7.23 -11.30 -16.71
C SER A 79 7.72 -10.84 -15.34
N CYS A 80 6.79 -10.47 -14.49
CA CYS A 80 7.13 -9.96 -13.14
C CYS A 80 7.01 -11.06 -12.08
N ALA A 81 8.08 -11.25 -11.34
CA ALA A 81 8.12 -12.26 -10.26
C ALA A 81 7.29 -11.82 -9.06
N VAL A 82 6.28 -12.61 -8.74
CA VAL A 82 5.47 -12.36 -7.53
C VAL A 82 6.26 -12.88 -6.33
N GLY A 83 6.06 -12.28 -5.18
CA GLY A 83 6.81 -12.67 -3.99
C GLY A 83 6.10 -12.33 -2.70
N VAL A 84 6.75 -12.67 -1.60
CA VAL A 84 6.20 -12.36 -0.25
C VAL A 84 7.29 -11.66 0.55
N CYS A 85 6.93 -10.57 1.19
CA CYS A 85 7.89 -9.82 2.02
C CYS A 85 8.23 -10.60 3.29
N MET A 86 9.50 -10.63 3.62
CA MET A 86 9.98 -11.26 4.87
C MET A 86 11.22 -10.52 5.30
N LYS A 87 11.09 -9.73 6.35
CA LYS A 87 12.23 -8.94 6.86
C LYS A 87 12.83 -8.09 5.72
N GLY A 88 11.99 -7.51 4.87
CA GLY A 88 12.47 -6.56 3.85
C GLY A 88 12.87 -7.16 2.53
N THR A 89 12.91 -8.47 2.43
CA THR A 89 13.21 -9.12 1.13
C THR A 89 11.92 -9.64 0.47
N CYS A 90 11.80 -9.45 -0.83
CA CYS A 90 10.67 -10.00 -1.61
C CYS A 90 11.07 -11.40 -2.06
N VAL A 91 10.65 -12.40 -1.29
CA VAL A 91 10.99 -13.82 -1.61
C VAL A 91 10.07 -14.34 -2.70
N LYS A 92 10.62 -14.60 -3.87
CA LYS A 92 9.83 -15.07 -5.03
C LYS A 92 9.14 -16.39 -4.70
N ASN A 93 7.89 -16.52 -5.13
CA ASN A 93 7.08 -17.73 -4.84
C ASN A 93 6.95 -18.62 -6.09
N GLY A 94 7.42 -18.16 -7.23
CA GLY A 94 7.27 -18.91 -8.50
C GLY A 94 6.27 -18.34 -9.46
N THR A 95 5.26 -17.61 -8.98
CA THR A 95 4.19 -17.09 -9.87
C THR A 95 4.68 -15.87 -10.64
N MET A 96 4.31 -15.80 -11.92
CA MET A 96 4.72 -14.65 -12.76
C MET A 96 3.47 -13.89 -13.21
N GLU A 97 3.59 -12.56 -13.25
CA GLU A 97 2.47 -11.73 -13.69
C GLU A 97 2.92 -10.61 -14.62
N GLN A 98 1.96 -10.10 -15.39
CA GLN A 98 2.23 -8.99 -16.33
C GLN A 98 1.99 -7.69 -15.57
N CYS A 99 3.01 -7.27 -14.83
CA CYS A 99 2.92 -6.05 -13.99
C CYS A 99 3.20 -4.80 -14.82
N PHE A 100 2.72 -3.67 -14.35
CA PHE A 100 2.95 -2.38 -15.03
C PHE A 100 2.69 -1.23 -14.07
N LYS A 101 3.18 -0.05 -14.41
CA LYS A 101 3.05 1.14 -13.56
C LYS A 101 1.94 2.06 -14.06
N THR A 102 1.29 2.75 -13.15
CA THR A 102 0.26 3.75 -13.52
C THR A 102 0.63 5.08 -12.89
N SER B 8 -5.80 5.43 -7.39
CA SER B 8 -6.17 4.07 -7.83
C SER B 8 -5.08 3.04 -7.47
N THR B 9 -3.79 3.32 -7.63
CA THR B 9 -2.79 2.28 -7.23
C THR B 9 -2.19 2.55 -5.85
N THR B 10 -2.68 3.55 -5.13
CA THR B 10 -2.18 3.87 -3.78
C THR B 10 -2.82 2.90 -2.80
N CYS B 11 -2.00 2.20 -2.04
CA CYS B 11 -2.49 1.17 -1.10
C CYS B 11 -1.83 1.32 0.27
N CYS B 12 -2.45 0.80 1.31
CA CYS B 12 -1.95 0.90 2.69
C CYS B 12 -1.33 -0.44 3.13
N TYR B 13 -0.10 -0.41 3.62
CA TYR B 13 0.60 -1.62 4.11
C TYR B 13 0.21 -1.93 5.54
N ARG B 14 -0.07 -0.89 6.30
CA ARG B 14 -0.32 -1.04 7.75
C ARG B 14 -1.28 0.05 8.18
N PHE B 15 -1.94 -0.15 9.31
CA PHE B 15 -2.96 0.82 9.74
C PHE B 15 -2.63 1.51 11.06
N ILE B 16 -3.28 2.64 11.31
CA ILE B 16 -3.18 3.31 12.62
C ILE B 16 -4.14 2.54 13.50
N ASN B 17 -3.61 1.76 14.42
CA ASN B 17 -4.46 0.87 15.24
C ASN B 17 -5.37 1.66 16.20
N LYS B 18 -4.81 2.33 17.20
CA LYS B 18 -5.61 3.14 18.18
C LYS B 18 -6.46 4.22 17.52
N LYS B 19 -7.61 4.51 18.11
CA LYS B 19 -8.52 5.55 17.59
C LYS B 19 -7.82 6.88 17.70
N ILE B 20 -7.99 7.71 16.69
CA ILE B 20 -7.46 9.09 16.75
C ILE B 20 -8.69 9.92 17.03
N PRO B 21 -8.68 10.80 18.04
CA PRO B 21 -9.82 11.67 18.29
C PRO B 21 -10.21 12.51 17.07
N LYS B 22 -11.51 12.73 16.90
CA LYS B 22 -12.00 13.50 15.74
C LYS B 22 -11.36 14.89 15.70
N GLN B 23 -10.99 15.41 16.87
CA GLN B 23 -10.43 16.79 16.92
C GLN B 23 -9.04 16.80 16.28
N ARG B 24 -8.44 15.62 16.07
CA ARG B 24 -7.06 15.55 15.54
C ARG B 24 -7.05 15.31 14.01
N LEU B 25 -8.20 15.10 13.37
CA LEU B 25 -8.24 14.76 11.94
C LEU B 25 -8.89 15.84 11.07
N GLU B 26 -8.40 15.98 9.85
CA GLU B 26 -8.98 16.93 8.88
C GLU B 26 -10.17 16.27 8.17
N SER B 27 -10.67 16.93 7.13
CA SER B 27 -11.87 16.43 6.40
C SER B 27 -11.47 15.46 5.27
N TYR B 28 -10.17 15.32 5.02
CA TYR B 28 -9.75 14.46 3.89
C TYR B 28 -10.21 13.03 4.12
N ARG B 29 -10.71 12.40 3.07
CA ARG B 29 -11.11 10.97 3.11
C ARG B 29 -10.95 10.41 1.69
N ARG B 30 -10.27 9.27 1.57
CA ARG B 30 -10.13 8.61 0.27
C ARG B 30 -10.14 7.11 0.56
N THR B 31 -10.93 6.38 -0.19
CA THR B 31 -10.96 4.91 -0.03
C THR B 31 -9.97 4.38 -1.05
N THR B 32 -9.11 3.46 -0.63
CA THR B 32 -8.15 2.83 -1.55
C THR B 32 -8.86 1.85 -2.49
N SER B 33 -8.21 1.50 -3.61
CA SER B 33 -8.75 0.50 -4.54
C SER B 33 -9.14 -0.77 -3.83
N SER B 34 -10.16 -1.43 -4.35
CA SER B 34 -10.60 -2.73 -3.82
C SER B 34 -9.56 -3.79 -4.18
N HIS B 35 -8.62 -3.44 -5.04
CA HIS B 35 -7.56 -4.38 -5.51
C HIS B 35 -6.29 -4.31 -4.64
N CYS B 36 -6.26 -3.43 -3.66
CA CYS B 36 -5.11 -3.34 -2.73
C CYS B 36 -5.09 -4.58 -1.82
N PRO B 37 -3.90 -5.11 -1.50
CA PRO B 37 -3.82 -6.23 -0.59
C PRO B 37 -4.69 -6.05 0.66
N ARG B 38 -4.80 -4.83 1.16
CA ARG B 38 -5.54 -4.56 2.41
C ARG B 38 -6.57 -3.44 2.22
N GLU B 39 -7.83 -3.73 2.54
CA GLU B 39 -8.90 -2.72 2.42
C GLU B 39 -8.64 -1.55 3.36
N ALA B 40 -8.58 -0.36 2.82
CA ALA B 40 -8.22 0.78 3.67
C ALA B 40 -8.93 2.07 3.29
N VAL B 41 -9.08 2.93 4.27
CA VAL B 41 -9.56 4.30 4.02
C VAL B 41 -8.40 5.19 4.47
N ILE B 42 -8.19 6.30 3.78
CA ILE B 42 -7.09 7.23 4.13
C ILE B 42 -7.66 8.52 4.74
N PHE B 43 -7.17 8.87 5.93
CA PHE B 43 -7.56 10.17 6.52
C PHE B 43 -6.32 11.06 6.58
N LYS B 44 -6.49 12.33 6.93
CA LYS B 44 -5.34 13.25 7.12
C LYS B 44 -5.42 13.91 8.50
N THR B 45 -4.33 13.88 9.23
CA THR B 45 -4.24 14.58 10.53
C THR B 45 -4.16 16.09 10.30
N LYS B 46 -4.45 16.84 11.34
CA LYS B 46 -4.39 18.31 11.27
C LYS B 46 -2.92 18.71 11.14
N LEU B 47 -2.01 17.75 11.17
CA LEU B 47 -0.57 18.02 10.93
C LEU B 47 -0.30 17.76 9.45
N ASP B 48 -1.35 17.47 8.68
CA ASP B 48 -1.25 17.24 7.21
C ASP B 48 -0.57 15.90 6.87
N LYS B 49 -0.66 14.94 7.77
CA LYS B 49 -0.10 13.62 7.46
C LYS B 49 -1.22 12.66 7.01
N GLU B 50 -1.03 12.03 5.88
CA GLU B 50 -1.99 11.00 5.42
C GLU B 50 -1.81 9.76 6.28
N LEU B 51 -2.90 9.18 6.79
CA LEU B 51 -2.83 8.01 7.69
C LEU B 51 -3.80 6.91 7.24
N CYS B 52 -3.35 5.66 7.28
CA CYS B 52 -4.13 4.51 6.79
C CYS B 52 -5.01 3.95 7.91
N ALA B 53 -6.27 3.69 7.60
CA ALA B 53 -7.22 3.27 8.64
C ALA B 53 -8.03 2.03 8.20
N ASP B 54 -8.31 1.15 9.14
CA ASP B 54 -9.04 -0.10 8.87
C ASP B 54 -10.54 0.13 8.86
N PRO B 55 -11.23 0.03 7.72
CA PRO B 55 -12.66 0.33 7.67
C PRO B 55 -13.43 -0.70 8.51
N THR B 56 -12.76 -1.75 8.96
CA THR B 56 -13.39 -2.81 9.79
C THR B 56 -13.22 -2.42 11.25
N GLN B 57 -12.95 -1.14 11.50
CA GLN B 57 -12.85 -0.67 12.90
C GLN B 57 -13.99 0.33 13.12
N LYS B 58 -14.82 0.11 14.14
CA LYS B 58 -15.99 0.99 14.36
C LYS B 58 -15.46 2.36 14.72
N TRP B 59 -14.26 2.50 15.28
CA TRP B 59 -13.69 3.86 15.48
C TRP B 59 -13.60 4.60 14.16
CA VAL B 60 -13.30 4.18 11.46
C VAL B 60 -14.65 4.49 10.80
N GLN B 61 -15.65 3.65 11.07
CA GLN B 61 -16.99 3.83 10.43
C GLN B 61 -17.68 5.05 11.04
N ASP B 62 -17.47 5.24 12.33
CA ASP B 62 -18.03 6.43 13.01
C ASP B 62 -17.52 7.69 12.30
N PHE B 63 -16.18 7.81 12.14
CA PHE B 63 -15.64 9.07 11.60
C PHE B 63 -16.16 9.34 10.19
N MET B 64 -16.28 8.30 9.36
CA MET B 64 -16.67 8.55 7.96
C MET B 64 -18.12 9.02 7.94
N LYS B 65 -18.96 8.41 8.77
CA LYS B 65 -20.36 8.87 8.89
C LYS B 65 -20.34 10.33 9.29
N HIS B 66 -19.43 10.69 10.17
CA HIS B 66 -19.37 12.07 10.68
C HIS B 66 -19.02 13.01 9.53
N LEU B 67 -18.38 12.51 8.51
CA LEU B 67 -17.92 13.41 7.42
C LEU B 67 -19.00 13.60 6.35
#